data_5DDE
#
_entry.id   5DDE
#
_cell.length_a   48.705
_cell.length_b   79.713
_cell.length_c   124.644
_cell.angle_alpha   90.00
_cell.angle_beta   90.00
_cell.angle_gamma   90.00
#
_symmetry.space_group_name_H-M   'P 21 21 21'
#
loop_
_entity.id
_entity.type
_entity.pdbx_description
1 polymer Menin
2 non-polymer 6-(2,2-difluoroethyl)-4-[4-(5,5-dimethyl-4,5-dihydro-1,3-thiazol-2-yl)piperazin-1-yl]thieno[2,3-d]pyrimidine
3 non-polymer 'SULFATE ION'
4 non-polymer 'DIMETHYL SULFOXIDE'
5 non-polymer 'TETRAETHYLENE GLYCOL'
6 non-polymer 1,2-ETHANEDIOL
7 water water
#
_entity_poly.entity_id   1
_entity_poly.type   'polypeptide(L)'
_entity_poly.pdbx_seq_one_letter_code
;GGSSSMGLKAAQKTLFPLRSIDDVVRLFAAELGREEPDLVLLSLVLGFVEHFLAVNRVGLTYFPVADLSIIAALYARFTA
QIRGAVDLSLYPREGGVSSRELVKKVSDVIWNSLSRSYFKDRAHIQSLFSFITGTKLDSSGVAFAVVGACQALGLRDVHL
ALSEDHAWVVFGPNGEQTAEVTWHGKGNEDRRGQTVNAGVAERSWLYLKGSYMRCDRKMEVAFMVCAINPSIDLHTDSLE
LLQLQQKLLWLLYDLGHLERYPMALGNLADLEELEPTPGRPDPLTLYHKGIASAKTYYRDEHIYPYMYLAGYHCRNRNVR
EALQAWADTATVIQDYNYCREDEEIYKEFFEVANDVIPNLLKEAASLLEAGSQGSALQDPECFAHLLRFYDGICKWEEGS
PTPVLHVGWATFLVQSLGRFEGQVRQKVRIVSVPAPAASPPPEGPVLTFQSEKMKGMKELLVATKINSSAIKLQLTAQSQ
VQMKKQKVS
;
_entity_poly.pdbx_strand_id   A
#
loop_
_chem_comp.id
_chem_comp.type
_chem_comp.name
_chem_comp.formula
5A0 non-polymer 6-(2,2-difluoroethyl)-4-[4-(5,5-dimethyl-4,5-dihydro-1,3-thiazol-2-yl)piperazin-1-yl]thieno[2,3-d]pyrimidine 'C17 H21 F2 N5 S2'
DMS non-polymer 'DIMETHYL SULFOXIDE' 'C2 H6 O S'
EDO non-polymer 1,2-ETHANEDIOL 'C2 H6 O2'
PG4 non-polymer 'TETRAETHYLENE GLYCOL' 'C8 H18 O5'
SO4 non-polymer 'SULFATE ION' 'O4 S -2'
#
# COMPACT_ATOMS: atom_id res chain seq x y z
CA GLY A 7 19.91 22.55 -14.64
C GLY A 7 19.97 22.57 -13.13
N LEU A 8 20.89 21.81 -12.59
CA LEU A 8 21.16 21.76 -11.15
C LEU A 8 21.77 23.08 -10.69
N LYS A 9 21.39 23.50 -9.50
CA LYS A 9 21.83 24.74 -8.92
C LYS A 9 23.13 24.43 -8.20
N ALA A 10 24.02 25.44 -8.09
CA ALA A 10 25.31 25.22 -7.49
C ALA A 10 25.22 24.58 -6.09
N ALA A 11 24.29 25.07 -5.29
CA ALA A 11 24.03 24.50 -3.93
C ALA A 11 23.64 23.03 -3.84
N GLN A 12 22.99 22.53 -4.87
CA GLN A 12 22.60 21.13 -4.91
C GLN A 12 23.78 20.23 -5.18
N LYS A 13 24.90 20.78 -5.63
CA LYS A 13 26.03 19.96 -6.10
C LYS A 13 27.15 19.84 -5.09
N THR A 14 27.09 20.62 -4.02
CA THR A 14 28.19 20.72 -3.08
C THR A 14 28.45 19.46 -2.25
N LEU A 15 27.44 18.64 -2.03
CA LEU A 15 27.65 17.41 -1.22
C LEU A 15 28.28 16.26 -2.01
N PHE A 16 28.33 16.39 -3.34
CA PHE A 16 28.90 15.30 -4.14
C PHE A 16 30.42 15.34 -4.03
N PRO A 17 31.06 14.17 -4.17
CA PRO A 17 30.42 12.87 -4.45
C PRO A 17 29.84 12.23 -3.18
N LEU A 18 28.79 11.44 -3.35
CA LEU A 18 28.16 10.72 -2.28
C LEU A 18 28.88 9.40 -2.10
N ARG A 19 29.51 9.22 -0.95
CA ARG A 19 30.42 8.06 -0.75
C ARG A 19 29.88 7.07 0.23
N SER A 20 28.71 7.34 0.81
CA SER A 20 28.12 6.48 1.81
C SER A 20 26.64 6.68 1.91
N ILE A 21 26.02 5.79 2.67
CA ILE A 21 24.61 5.91 2.99
C ILE A 21 24.36 7.25 3.66
N ASP A 22 25.20 7.61 4.61
CA ASP A 22 24.97 8.85 5.33
C ASP A 22 25.10 10.08 4.42
N ASP A 23 25.97 10.02 3.41
CA ASP A 23 26.07 11.11 2.43
C ASP A 23 24.78 11.24 1.63
N VAL A 24 24.16 10.12 1.25
CA VAL A 24 22.85 10.13 0.59
C VAL A 24 21.82 10.80 1.51
N VAL A 25 21.83 10.43 2.80
CA VAL A 25 20.92 11.03 3.77
C VAL A 25 21.11 12.53 3.86
N ARG A 26 22.37 12.98 3.88
CA ARG A 26 22.68 14.42 3.89
C ARG A 26 22.07 15.13 2.71
N LEU A 27 22.15 14.50 1.54
CA LEU A 27 21.57 15.06 0.33
C LEU A 27 20.05 15.20 0.44
N PHE A 28 19.38 14.19 0.95
CA PHE A 28 17.95 14.25 1.14
C PHE A 28 17.60 15.34 2.15
N ALA A 29 18.40 15.45 3.19
CA ALA A 29 18.14 16.46 4.22
C ALA A 29 18.26 17.85 3.65
N ALA A 30 19.26 18.07 2.79
CA ALA A 30 19.48 19.37 2.19
C ALA A 30 18.35 19.72 1.25
N GLU A 31 17.96 18.74 0.42
CA GLU A 31 16.84 18.95 -0.49
C GLU A 31 15.51 19.17 0.20
N LEU A 32 15.28 18.45 1.29
CA LEU A 32 14.07 18.64 2.03
C LEU A 32 14.01 20.00 2.75
N GLY A 33 15.15 20.67 2.91
CA GLY A 33 15.20 22.01 3.52
C GLY A 33 15.06 23.16 2.51
N ARG A 34 14.92 22.82 1.23
CA ARG A 34 14.75 23.81 0.17
C ARG A 34 13.27 24.02 -0.08
N GLU A 35 12.94 25.13 -0.75
CA GLU A 35 11.55 25.42 -1.08
C GLU A 35 10.87 24.21 -1.72
N GLU A 36 11.53 23.62 -2.73
CA GLU A 36 11.03 22.52 -3.55
C GLU A 36 12.14 21.46 -3.67
N PRO A 37 12.11 20.39 -2.84
CA PRO A 37 13.07 19.31 -3.10
C PRO A 37 13.01 18.81 -4.52
N ASP A 38 14.20 18.53 -5.06
CA ASP A 38 14.34 18.20 -6.49
C ASP A 38 14.08 16.71 -6.72
N LEU A 39 12.86 16.40 -7.19
CA LEU A 39 12.47 15.02 -7.34
C LEU A 39 13.30 14.26 -8.34
N VAL A 40 13.68 14.94 -9.41
CA VAL A 40 14.49 14.29 -10.45
C VAL A 40 15.87 13.89 -9.92
N LEU A 41 16.53 14.83 -9.22
CA LEU A 41 17.81 14.60 -8.61
C LEU A 41 17.74 13.44 -7.65
N LEU A 42 16.76 13.48 -6.74
CA LEU A 42 16.66 12.47 -5.68
C LEU A 42 16.38 11.07 -6.22
N SER A 43 15.46 10.98 -7.18
CA SER A 43 15.13 9.70 -7.80
C SER A 43 16.30 9.08 -8.56
N LEU A 44 17.04 9.93 -9.30
CA LEU A 44 18.22 9.46 -10.03
C LEU A 44 19.27 8.91 -9.07
N VAL A 45 19.48 9.61 -7.95
CA VAL A 45 20.44 9.17 -6.96
C VAL A 45 20.03 7.84 -6.35
N LEU A 46 18.76 7.74 -5.93
CA LEU A 46 18.27 6.47 -5.37
C LEU A 46 18.38 5.34 -6.41
N GLY A 47 18.01 5.59 -7.66
CA GLY A 47 18.05 4.53 -8.65
C GLY A 47 19.47 4.10 -8.97
N PHE A 48 20.40 5.05 -8.93
CA PHE A 48 21.80 4.78 -9.16
C PHE A 48 22.29 3.87 -8.06
N VAL A 49 22.09 4.30 -6.83
CA VAL A 49 22.61 3.49 -5.73
C VAL A 49 21.91 2.14 -5.65
N GLU A 50 20.60 2.08 -5.92
CA GLU A 50 19.91 0.79 -5.93
C GLU A 50 20.44 -0.09 -7.05
N HIS A 51 20.75 0.47 -8.21
CA HIS A 51 21.26 -0.36 -9.27
C HIS A 51 22.56 -1.09 -8.83
N PHE A 52 23.47 -0.33 -8.24
CA PHE A 52 24.79 -0.86 -7.86
C PHE A 52 24.85 -1.52 -6.48
N LEU A 53 23.72 -1.54 -5.76
CA LEU A 53 23.60 -2.30 -4.54
C LEU A 53 22.71 -3.52 -4.68
N ALA A 54 21.75 -3.51 -5.62
CA ALA A 54 20.84 -4.64 -5.75
C ALA A 54 20.84 -5.29 -7.14
N VAL A 55 21.03 -4.54 -8.23
CA VAL A 55 20.93 -5.12 -9.57
C VAL A 55 22.24 -5.68 -10.02
N ASN A 56 23.31 -4.95 -9.78
CA ASN A 56 24.67 -5.37 -10.15
C ASN A 56 25.70 -4.97 -9.13
N ARG A 57 26.07 -5.90 -8.26
CA ARG A 57 27.03 -5.61 -7.19
C ARG A 57 28.47 -5.96 -7.58
N VAL A 58 28.72 -6.21 -8.84
CA VAL A 58 30.07 -6.51 -9.25
C VAL A 58 31.04 -5.39 -8.93
N GLY A 59 32.08 -5.69 -8.18
CA GLY A 59 33.08 -4.69 -7.89
C GLY A 59 32.81 -3.89 -6.62
N LEU A 60 31.67 -4.14 -6.03
CA LEU A 60 31.27 -3.41 -4.82
C LEU A 60 32.25 -3.75 -3.69
N THR A 61 32.71 -2.72 -3.00
CA THR A 61 33.57 -2.88 -1.85
C THR A 61 33.00 -2.21 -0.60
N TYR A 62 32.17 -1.19 -0.78
CA TYR A 62 31.49 -0.57 0.39
C TYR A 62 30.19 0.09 -0.04
N PHE A 63 30.32 1.09 -0.91
CA PHE A 63 29.16 1.87 -1.32
C PHE A 63 29.42 2.38 -2.73
N PRO A 64 28.42 2.34 -3.61
CA PRO A 64 28.70 2.81 -4.99
C PRO A 64 28.79 4.31 -5.01
N VAL A 65 29.99 4.85 -5.17
CA VAL A 65 30.18 6.30 -5.07
C VAL A 65 29.40 6.99 -6.22
N ALA A 66 28.57 7.97 -5.87
CA ALA A 66 27.81 8.76 -6.84
C ALA A 66 28.57 10.07 -7.13
N ASP A 67 29.28 10.11 -8.25
CA ASP A 67 30.03 11.29 -8.67
C ASP A 67 29.05 12.24 -9.30
N LEU A 68 29.30 13.53 -9.08
CA LEU A 68 28.48 14.54 -9.70
C LEU A 68 28.47 14.41 -11.22
N SER A 69 29.62 14.08 -11.83
CA SER A 69 29.63 14.06 -13.30
C SER A 69 28.57 13.04 -13.83
N ILE A 70 28.47 11.90 -13.17
CA ILE A 70 27.55 10.80 -13.55
C ILE A 70 26.11 11.22 -13.31
N ILE A 71 25.83 11.74 -12.11
CA ILE A 71 24.46 12.13 -11.76
C ILE A 71 23.99 13.30 -12.60
N ALA A 72 24.84 14.32 -12.78
CA ALA A 72 24.49 15.45 -13.64
C ALA A 72 24.24 15.06 -15.09
N ALA A 73 24.96 14.06 -15.59
CA ALA A 73 24.75 13.66 -16.99
C ALA A 73 23.38 12.98 -17.12
N LEU A 74 23.04 12.17 -16.13
CA LEU A 74 21.70 11.52 -16.07
C LEU A 74 20.61 12.56 -16.02
N TYR A 75 20.80 13.54 -15.14
CA TYR A 75 19.83 14.61 -14.95
C TYR A 75 19.61 15.35 -16.26
N ALA A 76 20.72 15.67 -16.92
CA ALA A 76 20.68 16.32 -18.21
C ALA A 76 19.95 15.51 -19.24
N ARG A 77 20.13 14.18 -19.22
CA ARG A 77 19.40 13.35 -20.21
C ARG A 77 17.90 13.49 -19.94
N PHE A 78 17.51 13.42 -18.67
CA PHE A 78 16.09 13.57 -18.38
C PHE A 78 15.51 14.95 -18.79
N THR A 79 16.13 16.01 -18.34
CA THR A 79 15.59 17.33 -18.59
C THR A 79 15.62 17.66 -20.11
N ALA A 80 16.59 17.15 -20.86
CA ALA A 80 16.62 17.40 -22.31
C ALA A 80 15.48 16.65 -23.03
N GLN A 81 15.22 15.42 -22.60
CA GLN A 81 14.13 14.62 -23.16
C GLN A 81 12.79 15.31 -22.90
N ILE A 82 12.58 15.81 -21.69
CA ILE A 82 11.28 16.40 -21.34
C ILE A 82 11.15 17.76 -22.01
N ARG A 83 12.18 18.60 -21.90
CA ARG A 83 12.06 19.96 -22.44
C ARG A 83 11.92 19.94 -23.95
N GLY A 84 12.63 19.04 -24.61
CA GLY A 84 12.52 18.90 -26.05
C GLY A 84 11.19 18.40 -26.57
N ALA A 85 10.54 17.54 -25.80
CA ALA A 85 9.32 16.87 -26.25
C ALA A 85 8.09 17.63 -25.81
N VAL A 86 8.20 18.40 -24.74
CA VAL A 86 7.08 19.18 -24.24
C VAL A 86 7.33 20.68 -24.46
N ASP A 87 6.75 21.21 -25.50
CA ASP A 87 6.78 22.64 -25.77
C ASP A 87 5.71 23.38 -24.95
N LEU A 88 6.12 24.03 -23.86
CA LEU A 88 5.21 24.76 -22.98
C LEU A 88 4.43 25.88 -23.63
N SER A 89 4.97 26.50 -24.70
CA SER A 89 4.28 27.60 -25.36
C SER A 89 2.97 27.15 -25.96
N LEU A 90 2.87 25.85 -26.25
CA LEU A 90 1.65 25.34 -26.82
C LEU A 90 0.52 25.24 -25.79
N TYR A 91 0.87 25.39 -24.50
CA TYR A 91 -0.09 25.14 -23.38
C TYR A 91 0.00 26.27 -22.38
N PRO A 92 -0.52 27.45 -22.78
CA PRO A 92 -0.49 28.64 -21.91
C PRO A 92 -0.97 28.36 -20.49
N ARG A 93 -0.25 28.83 -19.47
CA ARG A 93 -0.67 28.55 -18.08
C ARG A 93 -1.57 29.65 -17.50
N GLU A 94 -2.88 29.47 -17.70
CA GLU A 94 -3.89 30.36 -17.15
C GLU A 94 -3.83 30.29 -15.62
N GLY A 95 -3.42 31.39 -14.98
CA GLY A 95 -3.48 31.53 -13.52
C GLY A 95 -2.37 30.85 -12.74
N GLY A 96 -1.23 30.60 -13.38
CA GLY A 96 -0.14 29.90 -12.71
C GLY A 96 -0.45 28.41 -12.47
N VAL A 97 -1.48 27.89 -13.12
CA VAL A 97 -1.81 26.45 -13.02
C VAL A 97 -1.83 25.75 -14.38
N SER A 98 -1.67 24.42 -14.33
CA SER A 98 -1.51 23.63 -15.53
C SER A 98 -2.86 23.25 -16.07
N SER A 99 -2.87 22.88 -17.35
CA SER A 99 -4.11 22.47 -18.02
C SER A 99 -4.11 20.94 -18.18
N ARG A 100 -5.29 20.36 -18.39
CA ARG A 100 -5.40 18.95 -18.62
C ARG A 100 -4.60 18.52 -19.85
N GLU A 101 -4.58 19.36 -20.88
CA GLU A 101 -3.85 19.00 -22.13
C GLU A 101 -2.36 18.88 -21.87
N LEU A 102 -1.87 19.77 -21.03
CA LEU A 102 -0.46 19.78 -20.68
C LEU A 102 -0.08 18.54 -19.90
N VAL A 103 -0.90 18.22 -18.89
CA VAL A 103 -0.65 17.00 -18.11
C VAL A 103 -0.67 15.76 -19.00
N LYS A 104 -1.66 15.70 -19.90
CA LYS A 104 -1.74 14.57 -20.85
C LYS A 104 -0.51 14.49 -21.75
N LYS A 105 -0.02 15.63 -22.18
CA LYS A 105 1.16 15.66 -23.04
C LYS A 105 2.35 15.08 -22.29
N VAL A 106 2.55 15.52 -21.06
CA VAL A 106 3.68 15.00 -20.30
C VAL A 106 3.55 13.50 -20.11
N SER A 107 2.34 13.03 -19.77
CA SER A 107 2.08 11.61 -19.60
C SER A 107 2.42 10.83 -20.90
N ASP A 108 1.98 11.39 -22.03
CA ASP A 108 2.26 10.78 -23.34
C ASP A 108 3.77 10.66 -23.62
N VAL A 109 4.50 11.70 -23.26
CA VAL A 109 5.94 11.76 -23.46
C VAL A 109 6.60 10.64 -22.67
N ILE A 110 6.23 10.49 -21.39
CA ILE A 110 6.83 9.45 -20.58
C ILE A 110 6.46 8.09 -21.20
N TRP A 111 5.16 7.88 -21.40
CA TRP A 111 4.65 6.62 -21.95
C TRP A 111 5.31 6.24 -23.24
N ASN A 112 5.37 7.21 -24.14
CA ASN A 112 5.90 6.90 -25.47
C ASN A 112 7.39 6.59 -25.47
N SER A 113 8.05 6.92 -24.37
CA SER A 113 9.47 6.69 -24.20
C SER A 113 9.78 5.26 -23.78
N LEU A 114 8.77 4.51 -23.31
CA LEU A 114 9.05 3.24 -22.67
C LEU A 114 9.22 2.14 -23.72
N SER A 115 10.05 1.14 -23.41
CA SER A 115 10.30 0.02 -24.31
C SER A 115 8.97 -0.60 -24.61
N ARG A 116 8.84 -1.08 -25.85
CA ARG A 116 7.59 -1.61 -26.37
C ARG A 116 7.05 -2.73 -25.49
N SER A 117 7.94 -3.62 -25.05
CA SER A 117 7.57 -4.85 -24.37
C SER A 117 8.56 -5.11 -23.26
N TYR A 118 8.04 -5.21 -22.04
CA TYR A 118 8.83 -5.69 -20.91
C TYR A 118 7.95 -6.16 -19.76
N PHE A 119 8.51 -6.91 -18.82
CA PHE A 119 7.74 -7.37 -17.64
C PHE A 119 7.55 -6.20 -16.71
N LYS A 120 6.31 -5.78 -16.54
CA LYS A 120 5.98 -4.51 -15.90
C LYS A 120 6.02 -4.56 -14.37
N ASP A 121 6.15 -5.74 -13.76
CA ASP A 121 6.21 -5.83 -12.29
C ASP A 121 7.55 -6.43 -11.86
N ARG A 122 8.54 -6.27 -12.73
CA ARG A 122 9.89 -6.55 -12.38
C ARG A 122 10.29 -5.61 -11.22
N ALA A 123 11.25 -6.03 -10.40
CA ALA A 123 11.88 -5.15 -9.42
C ALA A 123 12.83 -4.15 -10.06
N HIS A 124 13.08 -3.06 -9.36
CA HIS A 124 14.05 -2.06 -9.77
C HIS A 124 13.73 -1.28 -11.07
N ILE A 125 12.47 -1.15 -11.39
CA ILE A 125 12.06 -0.30 -12.54
C ILE A 125 11.21 0.88 -12.10
N GLN A 126 11.41 1.34 -10.87
CA GLN A 126 10.54 2.38 -10.27
C GLN A 126 11.07 3.80 -10.44
N SER A 127 12.39 3.95 -10.62
CA SER A 127 13.08 5.22 -10.50
C SER A 127 13.35 5.89 -11.87
N LEU A 128 13.72 7.15 -11.83
CA LEU A 128 14.13 7.79 -13.07
C LEU A 128 15.45 7.19 -13.60
N PHE A 129 16.26 6.55 -12.74
CA PHE A 129 17.45 5.86 -13.26
C PHE A 129 17.02 4.74 -14.23
N SER A 130 15.98 3.99 -13.88
CA SER A 130 15.45 2.93 -14.78
C SER A 130 14.90 3.53 -16.07
N PHE A 131 14.17 4.63 -15.93
CA PHE A 131 13.58 5.30 -17.07
C PHE A 131 14.63 5.73 -18.09
N ILE A 132 15.71 6.33 -17.60
CA ILE A 132 16.76 6.82 -18.50
C ILE A 132 17.66 5.68 -19.03
N THR A 133 18.08 4.76 -18.16
CA THR A 133 19.11 3.79 -18.58
C THR A 133 18.47 2.55 -19.23
N GLY A 134 17.23 2.26 -18.85
CA GLY A 134 16.55 1.07 -19.32
C GLY A 134 15.26 1.30 -20.07
N THR A 135 14.81 2.54 -20.14
CA THR A 135 13.50 2.88 -20.75
C THR A 135 12.37 2.00 -20.23
N LYS A 136 12.41 1.73 -18.92
CA LYS A 136 11.42 0.91 -18.25
C LYS A 136 10.96 1.55 -16.97
N LEU A 137 9.64 1.58 -16.82
CA LEU A 137 9.01 1.95 -15.57
C LEU A 137 7.85 1.03 -15.20
N ASP A 138 7.63 0.86 -13.91
CA ASP A 138 6.43 0.18 -13.42
C ASP A 138 5.28 1.21 -13.34
N SER A 139 4.06 0.75 -13.11
CA SER A 139 2.87 1.59 -13.17
C SER A 139 2.99 2.90 -12.40
N SER A 140 3.23 2.77 -11.08
CA SER A 140 3.30 4.00 -10.27
C SER A 140 4.57 4.78 -10.59
N GLY A 141 5.60 4.15 -11.11
CA GLY A 141 6.82 4.83 -11.55
C GLY A 141 6.50 5.84 -12.70
N VAL A 142 5.61 5.46 -13.58
CA VAL A 142 5.15 6.39 -14.68
C VAL A 142 4.51 7.61 -14.03
N ALA A 143 3.63 7.43 -13.05
CA ALA A 143 3.01 8.59 -12.40
C ALA A 143 4.05 9.46 -11.74
N PHE A 144 5.00 8.85 -11.03
CA PHE A 144 6.05 9.64 -10.36
C PHE A 144 6.85 10.42 -11.40
N ALA A 145 7.20 9.76 -12.49
CA ALA A 145 8.00 10.37 -13.51
C ALA A 145 7.24 11.55 -14.17
N VAL A 146 5.92 11.44 -14.31
CA VAL A 146 5.12 12.57 -14.85
C VAL A 146 5.22 13.74 -13.85
N VAL A 147 5.11 13.46 -12.55
CA VAL A 147 5.25 14.50 -11.56
C VAL A 147 6.66 15.14 -11.55
N GLY A 148 7.71 14.33 -11.62
CA GLY A 148 9.08 14.84 -11.72
C GLY A 148 9.29 15.69 -12.95
N ALA A 149 8.78 15.22 -14.09
CA ALA A 149 8.86 15.96 -15.35
C ALA A 149 8.14 17.32 -15.25
N CYS A 150 6.95 17.34 -14.63
CA CYS A 150 6.21 18.59 -14.46
C CYS A 150 6.98 19.56 -13.53
N GLN A 151 7.60 19.04 -12.50
CA GLN A 151 8.40 19.91 -11.64
C GLN A 151 9.56 20.51 -12.39
N ALA A 152 10.23 19.70 -13.19
CA ALA A 152 11.34 20.17 -13.97
C ALA A 152 10.91 21.25 -14.97
N LEU A 153 9.68 21.18 -15.44
CA LEU A 153 9.10 22.19 -16.34
C LEU A 153 8.63 23.45 -15.61
N GLY A 154 8.68 23.46 -14.27
CA GLY A 154 8.14 24.58 -13.46
C GLY A 154 6.66 24.55 -13.14
N LEU A 155 6.01 23.39 -13.26
CA LEU A 155 4.59 23.24 -13.04
C LEU A 155 4.34 22.83 -11.59
N ARG A 156 4.36 23.84 -10.73
CA ARG A 156 4.39 23.64 -9.27
C ARG A 156 3.09 23.06 -8.75
N ASP A 157 2.02 23.15 -9.56
CA ASP A 157 0.72 22.66 -9.17
C ASP A 157 0.49 21.13 -9.39
N VAL A 158 1.32 20.46 -10.18
CA VAL A 158 1.08 19.05 -10.50
C VAL A 158 1.68 18.19 -9.38
N HIS A 159 0.83 17.38 -8.75
CA HIS A 159 1.24 16.53 -7.63
C HIS A 159 0.78 15.11 -7.76
N LEU A 160 1.50 14.23 -7.07
CA LEU A 160 1.19 12.82 -7.07
C LEU A 160 -0.02 12.53 -6.18
N ALA A 161 -0.97 11.78 -6.70
CA ALA A 161 -2.13 11.27 -5.94
C ALA A 161 -1.94 9.77 -5.78
N LEU A 162 -2.22 9.25 -4.59
CA LEU A 162 -1.99 7.85 -4.31
C LEU A 162 -3.18 7.22 -3.62
N SER A 163 -3.63 6.08 -4.12
CA SER A 163 -4.46 5.19 -3.37
C SER A 163 -3.62 4.01 -2.85
N GLU A 164 -4.25 3.02 -2.25
CA GLU A 164 -3.52 1.88 -1.73
C GLU A 164 -3.05 0.96 -2.85
N ASP A 165 -3.56 1.14 -4.07
CA ASP A 165 -3.18 0.25 -5.20
C ASP A 165 -3.00 0.95 -6.53
N HIS A 166 -3.00 2.27 -6.55
CA HIS A 166 -2.90 3.02 -7.80
C HIS A 166 -2.34 4.43 -7.55
N ALA A 167 -1.91 5.08 -8.62
CA ALA A 167 -1.36 6.42 -8.59
C ALA A 167 -1.85 7.18 -9.81
N TRP A 168 -2.01 8.48 -9.63
CA TRP A 168 -2.39 9.41 -10.66
C TRP A 168 -1.86 10.81 -10.28
N VAL A 169 -2.37 11.87 -10.92
CA VAL A 169 -1.98 13.22 -10.54
C VAL A 169 -3.17 14.12 -10.25
N VAL A 170 -2.89 15.11 -9.42
CA VAL A 170 -3.77 16.23 -9.19
C VAL A 170 -3.11 17.49 -9.72
N PHE A 171 -3.89 18.47 -10.14
CA PHE A 171 -3.33 19.67 -10.69
C PHE A 171 -4.42 20.72 -10.77
N GLY A 172 -4.06 21.87 -11.35
CA GLY A 172 -5.05 22.86 -11.75
C GLY A 172 -5.45 23.79 -10.62
N PRO A 173 -6.55 24.54 -10.81
CA PRO A 173 -7.07 25.50 -9.85
C PRO A 173 -7.30 24.82 -8.53
N ASN A 174 -6.66 25.36 -7.49
CA ASN A 174 -6.72 24.78 -6.13
C ASN A 174 -6.26 23.32 -6.03
N GLY A 175 -5.56 22.80 -7.03
CA GLY A 175 -5.17 21.40 -7.04
C GLY A 175 -6.38 20.46 -7.11
N GLU A 176 -7.49 20.98 -7.63
CA GLU A 176 -8.75 20.23 -7.55
C GLU A 176 -8.99 19.26 -8.71
N GLN A 177 -8.25 19.39 -9.78
CA GLN A 177 -8.44 18.46 -10.89
C GLN A 177 -7.67 17.16 -10.68
N THR A 178 -8.20 16.08 -11.26
CA THR A 178 -7.50 14.80 -11.27
C THR A 178 -7.27 14.33 -12.70
N ALA A 179 -6.16 13.65 -12.94
CA ALA A 179 -5.92 12.98 -14.18
C ALA A 179 -5.20 11.68 -14.06
N GLU A 180 -5.74 10.67 -14.71
CA GLU A 180 -5.01 9.41 -14.92
C GLU A 180 -3.82 9.67 -15.79
N VAL A 181 -2.68 9.10 -15.41
CA VAL A 181 -1.44 9.27 -16.20
C VAL A 181 -0.73 7.96 -16.45
N THR A 182 -1.17 6.89 -15.81
CA THR A 182 -0.60 5.57 -15.99
C THR A 182 -1.68 4.46 -16.12
N TRP A 183 -1.25 3.21 -16.26
CA TRP A 183 -2.16 2.07 -16.31
C TRP A 183 -2.39 1.54 -14.89
N HIS A 184 -3.46 0.75 -14.76
CA HIS A 184 -3.69 0.00 -13.53
C HIS A 184 -3.89 -1.47 -13.83
N GLY A 185 -3.10 -2.28 -13.18
CA GLY A 185 -3.23 -3.70 -13.20
C GLY A 185 -2.85 -4.26 -14.54
N LYS A 186 -3.47 -5.38 -14.87
CA LYS A 186 -3.10 -6.22 -16.00
C LYS A 186 -4.38 -6.42 -16.77
N GLY A 187 -4.38 -5.98 -18.02
CA GLY A 187 -5.49 -6.27 -18.90
C GLY A 187 -6.68 -5.37 -18.66
N ASN A 188 -6.48 -4.31 -17.87
CA ASN A 188 -7.50 -3.27 -17.77
C ASN A 188 -7.30 -2.26 -18.92
N GLU A 189 -8.39 -1.67 -19.38
CA GLU A 189 -8.34 -0.62 -20.40
C GLU A 189 -7.92 0.66 -19.70
N ASP A 190 -6.92 1.35 -20.26
CA ASP A 190 -6.35 2.56 -19.60
C ASP A 190 -7.26 3.77 -19.83
N ARG A 191 -7.23 4.69 -18.87
CA ARG A 191 -8.13 5.84 -18.86
C ARG A 191 -7.28 7.11 -18.79
N ARG A 192 -6.07 7.07 -19.37
CA ARG A 192 -5.11 8.16 -19.20
C ARG A 192 -5.80 9.44 -19.72
N GLY A 193 -5.60 10.55 -19.01
CA GLY A 193 -6.26 11.78 -19.42
C GLY A 193 -7.57 12.03 -18.73
N GLN A 194 -8.23 10.98 -18.23
CA GLN A 194 -9.57 11.14 -17.60
C GLN A 194 -9.43 11.47 -16.12
N THR A 195 -10.54 11.94 -15.54
CA THR A 195 -10.60 12.11 -14.06
C THR A 195 -10.75 10.76 -13.35
N VAL A 196 -10.71 10.79 -12.02
CA VAL A 196 -10.99 9.61 -11.25
C VAL A 196 -12.42 9.63 -10.63
N ASN A 197 -13.27 10.53 -11.12
CA ASN A 197 -14.55 10.74 -10.50
C ASN A 197 -15.52 9.57 -10.60
N ALA A 198 -15.52 8.85 -11.71
CA ALA A 198 -16.39 7.66 -11.81
C ALA A 198 -15.97 6.64 -10.73
N GLY A 199 -14.66 6.44 -10.57
CA GLY A 199 -14.17 5.46 -9.56
C GLY A 199 -14.48 5.87 -8.12
N VAL A 200 -14.38 7.17 -7.85
CA VAL A 200 -14.76 7.69 -6.54
C VAL A 200 -16.27 7.48 -6.32
N ALA A 201 -17.07 7.86 -7.32
CA ALA A 201 -18.51 7.72 -7.25
C ALA A 201 -19.00 6.28 -7.02
N GLU A 202 -18.29 5.30 -7.55
CA GLU A 202 -18.79 3.92 -7.38
C GLU A 202 -18.37 3.27 -6.08
N ARG A 203 -17.63 4.01 -5.26
CA ARG A 203 -17.21 3.61 -3.95
C ARG A 203 -16.29 2.36 -4.00
N SER A 204 -15.40 2.30 -5.00
CA SER A 204 -14.41 1.23 -5.07
C SER A 204 -13.29 1.46 -4.10
N TRP A 205 -12.65 0.37 -3.70
CA TRP A 205 -11.43 0.52 -2.91
C TRP A 205 -10.34 1.24 -3.65
N LEU A 206 -10.29 1.00 -4.95
CA LEU A 206 -9.22 1.58 -5.77
C LEU A 206 -9.07 3.09 -5.61
N TYR A 207 -10.20 3.82 -5.46
CA TYR A 207 -10.18 5.28 -5.31
C TYR A 207 -10.55 5.77 -3.91
N LEU A 208 -10.64 4.84 -2.97
CA LEU A 208 -10.81 5.12 -1.57
C LEU A 208 -11.94 6.07 -1.27
N LYS A 209 -13.02 6.01 -2.03
CA LYS A 209 -14.14 6.98 -1.84
C LYS A 209 -13.69 8.46 -1.81
N GLY A 210 -12.60 8.77 -2.48
CA GLY A 210 -12.04 10.10 -2.45
C GLY A 210 -11.07 10.39 -1.33
N SER A 211 -10.89 9.47 -0.38
CA SER A 211 -9.95 9.66 0.70
C SER A 211 -8.57 9.14 0.35
N TYR A 212 -8.14 9.43 -0.88
CA TYR A 212 -6.79 9.12 -1.33
C TYR A 212 -5.83 10.20 -0.95
N MET A 213 -4.56 9.90 -1.06
CA MET A 213 -3.53 10.85 -0.64
C MET A 213 -3.26 11.87 -1.77
N ARG A 214 -3.29 13.16 -1.42
CA ARG A 214 -2.86 14.25 -2.32
C ARG A 214 -1.51 14.72 -1.81
N CYS A 215 -0.48 14.30 -2.49
CA CYS A 215 0.88 14.56 -2.00
C CYS A 215 1.30 16.03 -2.19
N ASP A 216 2.06 16.54 -1.24
CA ASP A 216 2.89 17.71 -1.51
C ASP A 216 4.28 17.21 -1.91
N ARG A 217 5.21 18.13 -2.18
CA ARG A 217 6.52 17.72 -2.66
C ARG A 217 7.23 16.83 -1.64
N LYS A 218 7.01 17.09 -0.35
CA LYS A 218 7.74 16.32 0.65
C LYS A 218 7.21 14.89 0.71
N MET A 219 5.90 14.72 0.56
CA MET A 219 5.30 13.42 0.46
C MET A 219 5.71 12.69 -0.80
N GLU A 220 5.98 13.42 -1.89
CA GLU A 220 6.53 12.79 -3.04
C GLU A 220 7.92 12.21 -2.78
N VAL A 221 8.71 12.93 -2.01
CA VAL A 221 9.95 12.35 -1.55
C VAL A 221 9.75 11.10 -0.72
N ALA A 222 8.78 11.13 0.18
CA ALA A 222 8.51 9.94 1.01
C ALA A 222 8.13 8.77 0.12
N PHE A 223 7.40 9.05 -0.95
CA PHE A 223 6.97 7.97 -1.85
C PHE A 223 8.18 7.32 -2.55
N MET A 224 9.14 8.12 -3.02
CA MET A 224 10.31 7.54 -3.70
C MET A 224 11.13 6.74 -2.72
N VAL A 225 11.16 7.17 -1.46
CA VAL A 225 11.88 6.42 -0.43
C VAL A 225 11.19 5.10 -0.11
N CYS A 226 9.87 5.12 0.02
CA CYS A 226 9.07 3.87 0.11
C CYS A 226 9.31 2.94 -1.06
N ALA A 227 9.55 3.51 -2.22
CA ALA A 227 9.73 2.78 -3.46
C ALA A 227 11.08 2.11 -3.60
N ILE A 228 12.04 2.46 -2.77
CA ILE A 228 13.31 1.74 -2.76
C ILE A 228 13.00 0.26 -2.58
N ASN A 229 13.69 -0.54 -3.38
CA ASN A 229 13.55 -1.99 -3.36
C ASN A 229 14.86 -2.64 -3.04
N PRO A 230 15.03 -3.05 -1.77
CA PRO A 230 16.28 -3.70 -1.35
C PRO A 230 16.52 -5.12 -1.88
N SER A 231 15.53 -5.73 -2.54
CA SER A 231 15.69 -7.11 -2.99
C SER A 231 16.78 -7.34 -3.96
N ILE A 232 17.67 -8.27 -3.64
CA ILE A 232 18.68 -8.69 -4.59
C ILE A 232 18.13 -9.87 -5.37
N ASP A 233 17.58 -10.83 -4.65
CA ASP A 233 16.79 -11.89 -5.26
C ASP A 233 15.76 -12.31 -4.25
N LEU A 234 15.11 -13.46 -4.49
CA LEU A 234 14.01 -13.93 -3.64
C LEU A 234 14.48 -14.22 -2.20
N HIS A 235 15.73 -14.60 -2.04
CA HIS A 235 16.23 -15.04 -0.72
C HIS A 235 17.05 -13.97 -0.01
N THR A 236 17.39 -12.88 -0.70
CA THR A 236 18.41 -11.97 -0.22
C THR A 236 18.07 -10.50 -0.42
N ASP A 237 18.20 -9.71 0.64
CA ASP A 237 18.04 -8.25 0.58
C ASP A 237 19.37 -7.58 0.79
N SER A 238 19.55 -6.42 0.18
CA SER A 238 20.72 -5.60 0.37
C SER A 238 20.59 -4.98 1.77
N LEU A 239 21.50 -5.29 2.67
CA LEU A 239 21.53 -4.60 3.98
C LEU A 239 21.74 -3.09 3.86
N GLU A 240 22.50 -2.70 2.84
CA GLU A 240 22.85 -1.32 2.60
C GLU A 240 21.61 -0.54 2.26
N LEU A 241 20.82 -1.08 1.34
CA LEU A 241 19.58 -0.41 0.94
C LEU A 241 18.53 -0.42 2.04
N LEU A 242 18.45 -1.51 2.78
CA LEU A 242 17.55 -1.53 3.95
C LEU A 242 17.95 -0.41 4.91
N GLN A 243 19.24 -0.31 5.24
CA GLN A 243 19.73 0.78 6.10
C GLN A 243 19.41 2.16 5.54
N LEU A 244 19.70 2.36 4.27
CA LEU A 244 19.34 3.64 3.62
C LEU A 244 17.86 4.00 3.67
N GLN A 245 17.01 3.06 3.32
CA GLN A 245 15.57 3.31 3.31
C GLN A 245 15.09 3.66 4.75
N GLN A 246 15.60 2.91 5.71
CA GLN A 246 15.21 3.12 7.06
C GLN A 246 15.65 4.51 7.56
N LYS A 247 16.91 4.87 7.31
CA LYS A 247 17.43 6.19 7.71
C LYS A 247 16.68 7.31 7.03
N LEU A 248 16.35 7.12 5.76
CA LEU A 248 15.58 8.15 5.05
C LEU A 248 14.15 8.28 5.56
N LEU A 249 13.52 7.15 5.87
CA LEU A 249 12.21 7.22 6.50
C LEU A 249 12.24 7.91 7.87
N TRP A 250 13.28 7.65 8.69
CA TRP A 250 13.38 8.39 9.96
C TRP A 250 13.58 9.87 9.77
N LEU A 251 14.36 10.26 8.71
CA LEU A 251 14.56 11.66 8.40
C LEU A 251 13.23 12.29 8.14
N LEU A 252 12.47 11.66 7.24
CA LEU A 252 11.15 12.14 6.86
C LEU A 252 10.22 12.22 8.06
N TYR A 253 10.25 11.20 8.92
CA TYR A 253 9.46 11.15 10.12
C TYR A 253 9.72 12.33 11.03
N ASP A 254 11.01 12.58 11.30
CA ASP A 254 11.44 13.66 12.17
C ASP A 254 11.02 15.02 11.67
N LEU A 255 10.93 15.16 10.35
CA LEU A 255 10.60 16.44 9.74
C LEU A 255 9.12 16.64 9.60
N GLY A 256 8.33 15.64 9.97
CA GLY A 256 6.89 15.72 9.89
C GLY A 256 6.25 15.24 8.63
N HIS A 257 7.06 14.67 7.72
CA HIS A 257 6.59 14.38 6.38
C HIS A 257 5.95 13.03 6.22
N LEU A 258 5.89 12.23 7.26
CA LEU A 258 5.10 11.00 7.24
C LEU A 258 3.76 11.13 7.98
N GLU A 259 3.45 12.33 8.48
CA GLU A 259 2.23 12.56 9.27
C GLU A 259 0.95 12.11 8.55
N ARG A 260 0.89 12.35 7.23
CA ARG A 260 -0.28 12.03 6.40
C ARG A 260 0.00 10.82 5.46
N TYR A 261 0.92 9.96 5.87
CA TYR A 261 1.32 8.86 5.00
C TYR A 261 1.29 7.50 5.73
N PRO A 262 0.09 6.90 5.92
CA PRO A 262 -0.03 5.66 6.71
C PRO A 262 0.86 4.50 6.20
N MET A 263 0.95 4.31 4.89
CA MET A 263 1.73 3.19 4.36
C MET A 263 3.20 3.34 4.63
N ALA A 264 3.68 4.59 4.62
CA ALA A 264 5.10 4.83 4.95
C ALA A 264 5.40 4.49 6.39
N LEU A 265 4.49 4.83 7.30
CA LEU A 265 4.64 4.47 8.70
C LEU A 265 4.63 2.95 8.94
N GLY A 266 3.75 2.24 8.24
CA GLY A 266 3.76 0.80 8.19
C GLY A 266 5.05 0.21 7.63
N ASN A 267 5.56 0.77 6.53
N ASN A 267 5.57 0.78 6.53
CA ASN A 267 6.82 0.26 5.98
CA ASN A 267 6.86 0.35 5.95
C ASN A 267 7.98 0.51 6.98
C ASN A 267 7.99 0.53 6.96
N LEU A 268 7.99 1.67 7.62
CA LEU A 268 9.01 1.95 8.63
C LEU A 268 8.92 0.99 9.82
N ALA A 269 7.70 0.73 10.28
CA ALA A 269 7.52 -0.24 11.36
C ALA A 269 8.05 -1.63 10.95
N ASP A 270 7.73 -2.05 9.72
CA ASP A 270 8.20 -3.33 9.22
C ASP A 270 9.72 -3.38 9.26
N LEU A 271 10.34 -2.28 8.90
CA LEU A 271 11.80 -2.21 8.89
C LEU A 271 12.39 -2.30 10.28
N GLU A 272 11.79 -1.57 11.22
CA GLU A 272 12.19 -1.61 12.59
C GLU A 272 12.03 -2.98 13.23
N GLU A 273 11.01 -3.71 12.81
CA GLU A 273 10.84 -5.09 13.30
C GLU A 273 12.04 -5.91 12.92
N LEU A 274 12.51 -5.71 11.68
CA LEU A 274 13.66 -6.49 11.14
C LEU A 274 14.96 -6.08 11.82
N GLU A 275 15.10 -4.77 12.03
CA GLU A 275 16.33 -4.21 12.58
C GLU A 275 16.09 -2.93 13.37
N PRO A 276 15.82 -3.05 14.66
CA PRO A 276 15.39 -1.85 15.36
C PRO A 276 16.51 -0.84 15.54
N THR A 277 16.13 0.42 15.46
CA THR A 277 17.03 1.53 15.64
C THR A 277 16.96 1.94 17.12
N PRO A 278 18.12 1.92 17.82
CA PRO A 278 18.08 2.33 19.24
C PRO A 278 17.49 3.72 19.44
N GLY A 279 16.63 3.83 20.44
CA GLY A 279 16.05 5.08 20.85
C GLY A 279 14.81 5.45 20.08
N ARG A 280 14.35 4.57 19.17
CA ARG A 280 13.18 4.90 18.35
C ARG A 280 11.93 4.15 18.86
N PRO A 281 10.74 4.63 18.52
CA PRO A 281 9.49 3.98 18.81
C PRO A 281 9.51 2.49 18.35
N ASP A 282 8.87 1.62 19.13
CA ASP A 282 8.66 0.23 18.75
C ASP A 282 7.80 0.13 17.47
N PRO A 283 7.96 -0.98 16.73
CA PRO A 283 7.07 -1.24 15.62
C PRO A 283 5.61 -1.05 15.99
N LEU A 284 5.15 -1.55 17.13
CA LEU A 284 3.74 -1.43 17.45
C LEU A 284 3.28 0.01 17.56
N THR A 285 4.13 0.87 18.11
CA THR A 285 3.82 2.26 18.18
C THR A 285 3.65 2.88 16.79
N LEU A 286 4.51 2.49 15.88
CA LEU A 286 4.48 3.00 14.51
C LEU A 286 3.27 2.48 13.80
N TYR A 287 2.93 1.20 13.96
CA TYR A 287 1.69 0.74 13.30
C TYR A 287 0.48 1.54 13.77
N HIS A 288 0.41 1.79 15.09
CA HIS A 288 -0.68 2.58 15.65
C HIS A 288 -0.69 4.02 15.18
N LYS A 289 0.48 4.60 14.95
CA LYS A 289 0.52 5.93 14.36
C LYS A 289 0.00 5.92 12.94
N GLY A 290 0.31 4.86 12.19
CA GLY A 290 -0.23 4.70 10.87
C GLY A 290 -1.76 4.68 10.82
N ILE A 291 -2.33 3.91 11.75
CA ILE A 291 -3.77 3.87 11.92
C ILE A 291 -4.36 5.23 12.32
N ALA A 292 -3.72 5.89 13.28
CA ALA A 292 -4.12 7.24 13.71
C ALA A 292 -4.07 8.23 12.54
N SER A 293 -3.04 8.11 11.70
CA SER A 293 -2.92 8.95 10.49
C SER A 293 -4.12 8.74 9.58
N ALA A 294 -4.48 7.47 9.35
CA ALA A 294 -5.62 7.16 8.51
C ALA A 294 -6.93 7.70 9.09
N LYS A 295 -7.11 7.55 10.41
CA LYS A 295 -8.30 8.09 11.08
C LYS A 295 -8.38 9.63 11.04
N THR A 296 -7.25 10.27 11.21
CA THR A 296 -7.17 11.74 11.22
C THR A 296 -7.33 12.39 9.87
N TYR A 297 -6.67 11.85 8.85
CA TYR A 297 -6.57 12.54 7.57
C TYR A 297 -7.42 11.92 6.46
N TYR A 298 -7.76 10.65 6.61
CA TYR A 298 -8.42 9.88 5.54
C TYR A 298 -9.74 9.21 5.95
N ARG A 299 -10.41 9.80 6.94
CA ARG A 299 -11.72 9.32 7.38
C ARG A 299 -11.75 7.84 7.79
N ASP A 300 -10.59 7.27 8.17
CA ASP A 300 -10.48 5.86 8.54
C ASP A 300 -11.02 4.99 7.41
N GLU A 301 -10.69 5.36 6.16
CA GLU A 301 -11.13 4.64 4.98
C GLU A 301 -10.00 3.83 4.32
N HIS A 302 -8.84 3.71 4.97
CA HIS A 302 -7.75 2.92 4.43
C HIS A 302 -7.74 1.51 5.03
N ILE A 303 -7.42 0.52 4.20
CA ILE A 303 -7.39 -0.85 4.62
C ILE A 303 -6.04 -1.29 5.18
N TYR A 304 -4.97 -0.87 4.54
CA TYR A 304 -3.68 -1.37 4.91
C TYR A 304 -3.14 -1.02 6.29
N PRO A 305 -3.54 0.10 6.92
CA PRO A 305 -2.99 0.33 8.28
C PRO A 305 -3.30 -0.82 9.24
N TYR A 306 -4.49 -1.38 9.12
CA TYR A 306 -4.86 -2.51 9.97
C TYR A 306 -4.20 -3.81 9.51
N MET A 307 -4.01 -3.96 8.20
N MET A 307 -4.00 -3.97 8.21
CA MET A 307 -3.33 -5.14 7.67
CA MET A 307 -3.35 -5.18 7.72
C MET A 307 -1.87 -5.19 8.09
C MET A 307 -1.85 -5.20 8.06
N TYR A 308 -1.21 -4.03 8.07
CA TYR A 308 0.18 -3.95 8.61
C TYR A 308 0.24 -4.40 10.07
N LEU A 309 -0.66 -3.87 10.90
CA LEU A 309 -0.72 -4.29 12.32
C LEU A 309 -1.00 -5.77 12.46
N ALA A 310 -2.02 -6.25 11.73
CA ALA A 310 -2.34 -7.67 11.85
C ALA A 310 -1.15 -8.56 11.46
N GLY A 311 -0.47 -8.17 10.39
CA GLY A 311 0.69 -8.94 9.93
C GLY A 311 1.78 -9.08 10.99
N TYR A 312 2.06 -7.99 11.68
CA TYR A 312 2.99 -8.02 12.80
C TYR A 312 2.56 -8.99 13.90
N HIS A 313 1.29 -8.92 14.28
CA HIS A 313 0.76 -9.77 15.32
C HIS A 313 0.79 -11.21 14.88
N CYS A 314 0.44 -11.42 13.63
CA CYS A 314 0.53 -12.73 13.00
C CYS A 314 1.95 -13.30 13.12
N ARG A 315 2.94 -12.57 12.63
CA ARG A 315 4.31 -13.07 12.64
C ARG A 315 4.80 -13.39 14.03
N ASN A 316 4.29 -12.67 15.02
CA ASN A 316 4.64 -12.88 16.42
C ASN A 316 3.69 -13.84 17.14
N ARG A 317 2.79 -14.44 16.38
CA ARG A 317 1.80 -15.44 16.88
C ARG A 317 1.00 -14.88 18.03
N ASN A 318 0.73 -13.60 17.95
CA ASN A 318 -0.23 -13.02 18.84
CA ASN A 318 -0.23 -12.96 18.84
C ASN A 318 -1.62 -13.16 18.20
N VAL A 319 -2.21 -14.34 18.36
CA VAL A 319 -3.49 -14.66 17.67
C VAL A 319 -4.61 -13.68 17.99
N ARG A 320 -4.81 -13.43 19.27
CA ARG A 320 -5.85 -12.49 19.70
C ARG A 320 -5.74 -11.12 19.03
N GLU A 321 -4.54 -10.54 19.08
N GLU A 321 -4.54 -10.54 19.07
CA GLU A 321 -4.36 -9.20 18.51
CA GLU A 321 -4.34 -9.21 18.50
C GLU A 321 -4.38 -9.18 16.97
C GLU A 321 -4.38 -9.18 16.97
N ALA A 322 -3.95 -10.27 16.34
CA ALA A 322 -4.06 -10.41 14.88
C ALA A 322 -5.51 -10.49 14.46
N LEU A 323 -6.30 -11.29 15.19
CA LEU A 323 -7.73 -11.37 14.86
C LEU A 323 -8.42 -10.03 15.06
N GLN A 324 -8.09 -9.33 16.14
CA GLN A 324 -8.68 -8.04 16.35
C GLN A 324 -8.38 -7.08 15.20
N ALA A 325 -7.13 -7.06 14.78
CA ALA A 325 -6.71 -6.17 13.70
C ALA A 325 -7.37 -6.53 12.35
N TRP A 326 -7.48 -7.80 12.05
CA TRP A 326 -8.23 -8.23 10.87
C TRP A 326 -9.72 -7.90 10.94
N ALA A 327 -10.34 -8.06 12.09
CA ALA A 327 -11.73 -7.58 12.26
C ALA A 327 -11.85 -6.06 11.96
N ASP A 328 -10.89 -5.26 12.47
CA ASP A 328 -10.89 -3.84 12.23
C ASP A 328 -10.67 -3.53 10.74
N THR A 329 -9.89 -4.38 10.06
CA THR A 329 -9.69 -4.27 8.59
CA THR A 329 -9.69 -4.27 8.63
C THR A 329 -11.02 -4.45 7.90
N ALA A 330 -11.74 -5.48 8.29
CA ALA A 330 -13.08 -5.75 7.72
C ALA A 330 -14.11 -4.68 8.03
N THR A 331 -13.95 -4.02 9.18
CA THR A 331 -14.84 -2.93 9.54
C THR A 331 -14.66 -1.73 8.62
N VAL A 332 -13.48 -1.58 8.07
CA VAL A 332 -13.28 -0.58 7.03
C VAL A 332 -13.86 -1.00 5.67
N ILE A 333 -13.60 -2.23 5.24
CA ILE A 333 -13.95 -2.63 3.90
C ILE A 333 -15.47 -2.69 3.79
N GLN A 334 -16.16 -2.85 4.92
CA GLN A 334 -17.62 -3.08 4.84
C GLN A 334 -18.37 -1.92 4.13
N ASP A 335 -17.83 -0.73 4.20
CA ASP A 335 -18.45 0.48 3.61
C ASP A 335 -18.03 0.78 2.17
N TYR A 336 -17.39 -0.18 1.52
CA TYR A 336 -16.98 -0.10 0.13
C TYR A 336 -17.88 -1.01 -0.70
N ASN A 337 -17.88 -0.79 -2.01
CA ASN A 337 -18.46 -1.68 -2.99
C ASN A 337 -17.28 -2.35 -3.69
N TYR A 338 -17.36 -3.68 -3.82
CA TYR A 338 -16.32 -4.46 -4.44
C TYR A 338 -16.49 -4.28 -5.95
N CYS A 339 -15.57 -3.59 -6.58
CA CYS A 339 -15.65 -3.27 -8.01
C CYS A 339 -14.57 -3.95 -8.83
N ARG A 340 -14.77 -3.94 -10.14
CA ARG A 340 -13.77 -4.40 -11.06
C ARG A 340 -12.61 -3.45 -10.78
N GLU A 341 -11.44 -4.01 -10.76
CA GLU A 341 -10.15 -3.36 -10.46
C GLU A 341 -9.75 -3.37 -8.99
N ASP A 342 -10.63 -3.84 -8.07
CA ASP A 342 -10.27 -3.99 -6.65
C ASP A 342 -9.67 -5.39 -6.30
N GLU A 343 -9.30 -6.16 -7.32
CA GLU A 343 -8.89 -7.56 -7.12
C GLU A 343 -7.75 -7.74 -6.12
N GLU A 344 -6.83 -6.79 -6.04
CA GLU A 344 -5.74 -6.97 -5.09
C GLU A 344 -6.23 -7.05 -3.64
N ILE A 345 -7.24 -6.26 -3.26
CA ILE A 345 -7.73 -6.35 -1.89
C ILE A 345 -8.56 -7.60 -1.62
N TYR A 346 -9.29 -8.06 -2.65
CA TYR A 346 -9.97 -9.34 -2.57
C TYR A 346 -8.94 -10.44 -2.32
N LYS A 347 -7.84 -10.43 -3.06
CA LYS A 347 -6.79 -11.41 -2.84
C LYS A 347 -6.24 -11.41 -1.43
N GLU A 348 -6.02 -10.23 -0.87
CA GLU A 348 -5.53 -10.12 0.49
C GLU A 348 -6.54 -10.70 1.49
N PHE A 349 -7.82 -10.32 1.35
CA PHE A 349 -8.87 -10.84 2.24
C PHE A 349 -9.01 -12.36 2.11
N PHE A 350 -8.96 -12.85 0.87
CA PHE A 350 -9.06 -14.27 0.61
C PHE A 350 -7.93 -15.03 1.31
N GLU A 351 -6.71 -14.56 1.12
CA GLU A 351 -5.56 -15.22 1.75
C GLU A 351 -5.67 -15.20 3.31
N VAL A 352 -6.13 -14.10 3.88
CA VAL A 352 -6.25 -14.02 5.33
C VAL A 352 -7.30 -15.06 5.83
N ALA A 353 -8.46 -15.05 5.22
CA ALA A 353 -9.56 -15.95 5.56
C ALA A 353 -9.26 -17.39 5.32
N ASN A 354 -8.59 -17.65 4.21
CA ASN A 354 -8.54 -19.01 3.70
C ASN A 354 -7.21 -19.68 3.78
N ASP A 355 -6.21 -18.96 4.29
CA ASP A 355 -4.87 -19.52 4.48
C ASP A 355 -4.27 -19.10 5.83
N VAL A 356 -4.15 -17.79 6.03
CA VAL A 356 -3.46 -17.28 7.22
C VAL A 356 -4.20 -17.61 8.53
N ILE A 357 -5.48 -17.28 8.62
CA ILE A 357 -6.24 -17.57 9.83
C ILE A 357 -6.28 -19.10 10.11
N PRO A 358 -6.61 -19.93 9.08
CA PRO A 358 -6.62 -21.36 9.31
C PRO A 358 -5.30 -21.85 9.86
N ASN A 359 -4.20 -21.40 9.30
CA ASN A 359 -2.92 -21.88 9.83
C ASN A 359 -2.61 -21.40 11.27
N LEU A 360 -2.94 -20.16 11.56
CA LEU A 360 -2.83 -19.66 12.94
C LEU A 360 -3.66 -20.49 13.90
N LEU A 361 -4.92 -20.80 13.52
CA LEU A 361 -5.79 -21.50 14.43
C LEU A 361 -5.40 -22.98 14.59
N LYS A 362 -4.85 -23.57 13.53
CA LYS A 362 -4.34 -24.94 13.56
C LYS A 362 -3.21 -25.08 14.57
N GLU A 363 -2.27 -24.13 14.53
CA GLU A 363 -1.20 -24.08 15.50
C GLU A 363 -1.76 -23.85 16.90
N ALA A 364 -2.63 -22.86 17.03
CA ALA A 364 -3.29 -22.66 18.34
C ALA A 364 -3.96 -23.94 18.87
N ALA A 365 -4.61 -24.71 18.01
CA ALA A 365 -5.27 -25.93 18.44
C ALA A 365 -4.23 -26.95 18.99
N SER A 366 -3.12 -27.12 18.29
CA SER A 366 -2.04 -27.98 18.78
C SER A 366 -1.48 -27.53 20.11
N LEU A 367 -1.35 -26.20 20.30
CA LEU A 367 -0.73 -25.69 21.52
C LEU A 367 -1.76 -25.83 22.66
N LEU A 368 -3.05 -25.72 22.32
CA LEU A 368 -4.09 -25.90 23.30
C LEU A 368 -4.07 -27.34 23.80
N GLU A 369 -3.95 -28.29 22.87
CA GLU A 369 -3.81 -29.70 23.19
C GLU A 369 -2.61 -29.93 24.12
N ALA A 370 -1.51 -29.17 23.93
CA ALA A 370 -0.36 -29.27 24.82
C ALA A 370 -0.51 -28.48 26.14
N GLY A 371 -1.67 -27.92 26.39
CA GLY A 371 -1.91 -27.26 27.63
C GLY A 371 -1.72 -25.79 27.72
N SER A 372 -1.68 -25.07 26.63
CA SER A 372 -1.60 -23.64 26.76
C SER A 372 -2.73 -23.02 27.58
N GLN A 373 -2.41 -21.86 28.17
CA GLN A 373 -3.32 -21.05 28.96
C GLN A 373 -3.48 -19.73 28.26
N GLY A 374 -4.63 -19.12 28.49
CA GLY A 374 -4.98 -17.87 27.84
C GLY A 374 -5.09 -17.95 26.32
N SER A 375 -5.25 -19.18 25.80
CA SER A 375 -5.37 -19.40 24.35
C SER A 375 -6.46 -18.55 23.73
N ALA A 376 -6.21 -18.07 22.52
CA ALA A 376 -7.23 -17.38 21.76
C ALA A 376 -8.43 -18.32 21.57
N LEU A 377 -8.19 -19.63 21.47
CA LEU A 377 -9.29 -20.55 21.19
C LEU A 377 -10.21 -20.75 22.42
N GLN A 378 -9.75 -20.31 23.58
CA GLN A 378 -10.63 -20.31 24.76
C GLN A 378 -11.17 -18.93 25.12
N ASP A 379 -10.90 -17.95 24.24
CA ASP A 379 -11.28 -16.56 24.53
C ASP A 379 -12.47 -16.16 23.66
N PRO A 380 -13.65 -16.01 24.25
CA PRO A 380 -14.77 -15.57 23.42
C PRO A 380 -14.58 -14.22 22.69
N GLU A 381 -13.73 -13.33 23.19
CA GLU A 381 -13.45 -12.08 22.45
C GLU A 381 -12.75 -12.39 21.13
N CYS A 382 -11.92 -13.43 21.10
CA CYS A 382 -11.27 -13.86 19.87
C CYS A 382 -12.27 -14.45 18.89
N PHE A 383 -13.21 -15.24 19.40
CA PHE A 383 -14.28 -15.76 18.51
C PHE A 383 -15.07 -14.58 17.95
N ALA A 384 -15.38 -13.61 18.79
CA ALA A 384 -16.09 -12.37 18.32
C ALA A 384 -15.32 -11.65 17.20
N HIS A 385 -14.00 -11.58 17.32
CA HIS A 385 -13.21 -10.90 16.28
C HIS A 385 -13.33 -11.66 14.97
N LEU A 386 -13.27 -13.00 15.04
CA LEU A 386 -13.41 -13.84 13.86
C LEU A 386 -14.77 -13.53 13.20
N LEU A 387 -15.83 -13.50 14.01
CA LEU A 387 -17.16 -13.24 13.47
C LEU A 387 -17.27 -11.82 12.87
N ARG A 388 -16.64 -10.84 13.52
CA ARG A 388 -16.64 -9.47 13.01
C ARG A 388 -15.91 -9.34 11.65
N PHE A 389 -14.84 -10.09 11.47
CA PHE A 389 -14.11 -10.17 10.21
C PHE A 389 -15.02 -10.65 9.12
N TYR A 390 -15.72 -11.77 9.37
CA TYR A 390 -16.61 -12.26 8.36
C TYR A 390 -17.77 -11.31 8.14
N ASP A 391 -18.29 -10.70 9.21
CA ASP A 391 -19.36 -9.74 9.02
C ASP A 391 -19.00 -8.62 8.06
N GLY A 392 -17.80 -8.04 8.21
CA GLY A 392 -17.44 -6.94 7.34
C GLY A 392 -17.28 -7.37 5.90
N ILE A 393 -16.75 -8.55 5.69
CA ILE A 393 -16.62 -9.07 4.32
C ILE A 393 -18.03 -9.28 3.70
N CYS A 394 -18.94 -9.84 4.45
CA CYS A 394 -20.31 -9.96 3.98
C CYS A 394 -20.99 -8.62 3.67
N LYS A 395 -20.81 -7.61 4.53
CA LYS A 395 -21.38 -6.31 4.32
C LYS A 395 -20.75 -5.65 3.08
N TRP A 396 -19.42 -5.76 2.95
CA TRP A 396 -18.71 -5.34 1.72
C TRP A 396 -19.46 -5.81 0.47
N GLU A 397 -19.81 -7.08 0.45
CA GLU A 397 -20.48 -7.72 -0.65
C GLU A 397 -21.82 -7.08 -0.92
N GLU A 398 -22.51 -6.63 0.12
CA GLU A 398 -23.84 -6.05 -0.07
C GLU A 398 -23.78 -4.81 -0.97
N GLY A 399 -24.56 -4.87 -2.03
CA GLY A 399 -24.69 -3.77 -2.98
C GLY A 399 -23.58 -3.66 -4.00
N SER A 400 -22.60 -4.57 -3.94
CA SER A 400 -21.49 -4.54 -4.86
C SER A 400 -21.89 -5.06 -6.23
N PRO A 401 -21.21 -4.55 -7.25
CA PRO A 401 -21.58 -5.00 -8.60
C PRO A 401 -21.07 -6.40 -8.92
N THR A 402 -20.07 -6.88 -8.17
CA THR A 402 -19.53 -8.23 -8.28
C THR A 402 -19.64 -8.87 -6.90
N PRO A 403 -19.97 -10.17 -6.81
CA PRO A 403 -19.99 -10.84 -5.50
C PRO A 403 -18.60 -11.13 -4.97
N VAL A 404 -18.52 -11.44 -3.68
CA VAL A 404 -17.25 -11.68 -3.00
C VAL A 404 -17.16 -13.14 -2.56
N LEU A 405 -18.20 -13.61 -1.84
CA LEU A 405 -18.18 -14.95 -1.26
C LEU A 405 -18.60 -16.05 -2.24
N HIS A 406 -18.02 -17.21 -2.04
CA HIS A 406 -18.40 -18.43 -2.73
C HIS A 406 -18.08 -19.65 -1.84
N VAL A 407 -18.43 -20.86 -2.29
CA VAL A 407 -18.35 -22.01 -1.41
C VAL A 407 -16.91 -22.31 -0.91
N GLY A 408 -15.92 -21.90 -1.72
CA GLY A 408 -14.50 -21.97 -1.34
C GLY A 408 -14.23 -21.26 -0.05
N TRP A 409 -14.93 -20.17 0.21
CA TRP A 409 -14.77 -19.52 1.50
C TRP A 409 -15.54 -20.28 2.61
N ALA A 410 -16.63 -20.92 2.26
CA ALA A 410 -17.48 -21.55 3.30
C ALA A 410 -16.77 -22.67 4.01
N THR A 411 -15.98 -23.44 3.27
CA THR A 411 -15.25 -24.55 3.85
C THR A 411 -14.28 -24.11 4.96
N PHE A 412 -13.56 -23.04 4.69
CA PHE A 412 -12.68 -22.50 5.71
C PHE A 412 -13.40 -21.85 6.89
N LEU A 413 -14.50 -21.17 6.65
CA LEU A 413 -15.34 -20.63 7.72
C LEU A 413 -15.77 -21.74 8.67
N VAL A 414 -16.27 -22.84 8.14
CA VAL A 414 -16.74 -23.95 8.98
C VAL A 414 -15.58 -24.50 9.81
N GLN A 415 -14.44 -24.65 9.17
CA GLN A 415 -13.26 -25.17 9.85
C GLN A 415 -12.84 -24.22 10.96
N SER A 416 -12.77 -22.93 10.63
CA SER A 416 -12.32 -21.94 11.61
C SER A 416 -13.28 -21.84 12.83
N LEU A 417 -14.58 -21.82 12.58
CA LEU A 417 -15.61 -21.83 13.66
C LEU A 417 -15.41 -23.02 14.61
N GLY A 418 -15.13 -24.18 14.03
CA GLY A 418 -15.01 -25.48 14.71
C GLY A 418 -13.77 -25.54 15.60
N ARG A 419 -12.79 -24.67 15.35
CA ARG A 419 -11.61 -24.56 16.21
C ARG A 419 -11.91 -24.07 17.62
N PHE A 420 -13.06 -23.40 17.78
CA PHE A 420 -13.56 -22.96 19.04
C PHE A 420 -14.60 -23.94 19.55
N GLU A 421 -14.43 -24.41 20.78
CA GLU A 421 -15.47 -25.22 21.42
C GLU A 421 -16.77 -24.46 21.59
N GLY A 422 -17.88 -25.16 21.50
CA GLY A 422 -19.21 -24.57 21.75
C GLY A 422 -19.32 -23.77 23.04
N GLN A 423 -18.67 -24.24 24.13
CA GLN A 423 -18.70 -23.48 25.39
C GLN A 423 -18.00 -22.12 25.29
N VAL A 424 -17.12 -21.97 24.32
CA VAL A 424 -16.49 -20.69 24.12
C VAL A 424 -17.39 -19.84 23.21
N ARG A 425 -17.86 -20.46 22.13
CA ARG A 425 -18.71 -19.76 21.15
C ARG A 425 -19.99 -19.23 21.80
N GLN A 426 -20.55 -20.02 22.70
CA GLN A 426 -21.79 -19.64 23.40
C GLN A 426 -21.69 -18.35 24.23
N LYS A 427 -20.49 -18.01 24.65
CA LYS A 427 -20.28 -16.79 25.43
C LYS A 427 -20.41 -15.45 24.70
N VAL A 428 -20.38 -15.47 23.37
CA VAL A 428 -20.51 -14.23 22.62
C VAL A 428 -21.96 -13.89 22.52
N ARG A 429 -22.32 -12.68 22.90
CA ARG A 429 -23.71 -12.20 22.78
C ARG A 429 -23.85 -11.40 21.50
N ILE A 430 -24.71 -11.85 20.61
CA ILE A 430 -24.92 -11.17 19.37
C ILE A 430 -26.17 -10.34 19.55
N VAL A 431 -26.00 -9.03 19.61
CA VAL A 431 -27.13 -8.14 19.85
C VAL A 431 -27.56 -7.44 18.59
N SER A 432 -28.86 -7.24 18.45
CA SER A 432 -29.43 -6.58 17.31
C SER A 432 -29.33 -5.08 17.43
N PRO A 445 -18.31 -10.16 26.27
CA PRO A 445 -18.17 -10.08 24.80
C PRO A 445 -19.50 -9.91 24.09
N VAL A 446 -19.69 -8.74 23.47
CA VAL A 446 -20.92 -8.51 22.71
C VAL A 446 -20.56 -8.03 21.31
N LEU A 447 -21.40 -8.36 20.35
CA LEU A 447 -21.09 -8.09 18.96
C LEU A 447 -22.38 -7.72 18.29
N THR A 448 -22.36 -6.75 17.37
CA THR A 448 -23.52 -6.43 16.54
C THR A 448 -23.14 -6.74 15.10
N PHE A 449 -23.95 -7.51 14.40
CA PHE A 449 -23.68 -7.76 12.99
C PHE A 449 -24.29 -6.65 12.13
N GLN A 450 -23.57 -6.21 11.12
CA GLN A 450 -24.07 -5.28 10.13
C GLN A 450 -24.61 -6.01 8.87
N SER A 451 -24.11 -7.20 8.58
CA SER A 451 -24.44 -7.89 7.32
C SER A 451 -25.68 -8.77 7.55
N GLU A 452 -26.53 -8.84 6.54
CA GLU A 452 -27.65 -9.78 6.61
C GLU A 452 -27.19 -11.25 6.63
N LYS A 453 -26.10 -11.59 5.92
CA LYS A 453 -25.63 -12.97 5.94
C LYS A 453 -25.28 -13.39 7.38
N MET A 454 -24.53 -12.56 8.11
CA MET A 454 -24.14 -12.99 9.42
C MET A 454 -25.32 -12.96 10.38
N LYS A 455 -26.27 -12.04 10.20
CA LYS A 455 -27.46 -12.08 11.07
C LYS A 455 -28.24 -13.40 10.98
N GLY A 456 -28.31 -13.98 9.78
CA GLY A 456 -29.05 -15.22 9.56
C GLY A 456 -28.23 -16.40 10.02
N MET A 457 -26.93 -16.17 10.23
CA MET A 457 -26.05 -17.24 10.69
C MET A 457 -26.02 -17.34 12.19
N LYS A 458 -26.63 -16.40 12.89
CA LYS A 458 -26.40 -16.28 14.33
C LYS A 458 -26.75 -17.60 15.04
N GLU A 459 -27.94 -18.11 14.71
CA GLU A 459 -28.48 -19.42 15.10
CA GLU A 459 -28.36 -19.36 15.35
C GLU A 459 -27.46 -20.55 15.11
N LEU A 460 -26.70 -20.61 14.05
CA LEU A 460 -25.84 -21.74 13.77
C LEU A 460 -24.51 -21.64 14.48
N LEU A 461 -24.20 -20.46 15.00
CA LEU A 461 -22.84 -20.20 15.52
C LEU A 461 -22.52 -20.78 16.90
N VAL A 462 -23.52 -21.34 17.59
CA VAL A 462 -23.37 -21.88 18.98
C VAL A 462 -23.62 -23.39 19.21
N ALA A 463 -24.14 -24.09 18.22
CA ALA A 463 -24.28 -25.53 18.34
C ALA A 463 -22.93 -26.20 18.58
N THR A 464 -22.97 -27.27 19.39
CA THR A 464 -21.77 -28.01 19.77
C THR A 464 -21.05 -28.57 18.54
N LYS A 465 -21.85 -29.11 17.62
CA LYS A 465 -21.38 -29.50 16.30
C LYS A 465 -21.95 -28.47 15.30
N ILE A 466 -21.06 -27.73 14.66
CA ILE A 466 -21.46 -26.78 13.63
C ILE A 466 -22.16 -27.51 12.48
N ASN A 467 -23.33 -27.01 12.08
CA ASN A 467 -24.04 -27.54 10.95
C ASN A 467 -23.36 -27.00 9.68
N SER A 468 -22.41 -27.75 9.16
CA SER A 468 -21.60 -27.33 8.02
C SER A 468 -22.46 -26.94 6.79
N SER A 469 -23.40 -27.81 6.41
CA SER A 469 -24.20 -27.54 5.22
C SER A 469 -25.05 -26.27 5.39
N ALA A 470 -25.61 -26.04 6.58
CA ALA A 470 -26.44 -24.84 6.77
C ALA A 470 -25.59 -23.56 6.69
N ILE A 471 -24.39 -23.62 7.27
CA ILE A 471 -23.44 -22.50 7.21
C ILE A 471 -23.07 -22.16 5.79
N LYS A 472 -22.75 -23.18 5.02
CA LYS A 472 -22.47 -23.01 3.61
C LYS A 472 -23.62 -22.38 2.88
N LEU A 473 -24.84 -22.83 3.13
CA LEU A 473 -25.99 -22.23 2.46
C LEU A 473 -26.15 -20.74 2.82
N GLN A 474 -25.88 -20.43 4.08
CA GLN A 474 -26.09 -19.08 4.53
C GLN A 474 -24.98 -18.13 4.01
N LEU A 475 -23.75 -18.60 3.93
CA LEU A 475 -22.65 -17.74 3.50
C LEU A 475 -22.74 -17.48 2.00
N THR A 476 -23.27 -18.41 1.23
CA THR A 476 -23.18 -18.27 -0.23
C THR A 476 -24.53 -17.96 -0.84
N ALA A 477 -25.55 -18.05 0.01
CA ALA A 477 -26.92 -17.81 -0.35
C ALA A 477 -27.35 -18.76 -1.48
N GLN A 478 -26.82 -19.99 -1.41
CA GLN A 478 -27.09 -21.03 -2.37
C GLN A 478 -28.50 -21.39 -2.04
N SER A 479 -29.32 -21.54 -3.06
CA SER A 479 -30.77 -21.67 -2.84
C SER A 479 -31.06 -23.12 -2.42
N GLN A 480 -30.35 -24.07 -3.04
CA GLN A 480 -30.73 -25.48 -3.07
C GLN A 480 -29.62 -26.46 -2.72
N VAL A 481 -30.02 -27.63 -2.23
CA VAL A 481 -29.10 -28.78 -2.03
C VAL A 481 -29.19 -29.78 -3.20
N GLN A 482 -28.29 -30.76 -3.25
CA GLN A 482 -28.20 -31.73 -4.37
C GLN A 482 -29.55 -32.46 -4.55
N MET A 483 -30.01 -32.60 -5.80
CA MET A 483 -31.31 -33.23 -6.08
C MET A 483 -31.37 -34.66 -5.54
N LYS A 484 -30.49 -35.52 -6.03
CA LYS A 484 -30.52 -36.97 -5.77
C LYS A 484 -29.81 -37.38 -4.47
C4 5A0 B . 2.55 3.42 -1.60
C5 5A0 B . 2.36 2.08 -1.58
C6 5A0 B . 3.01 1.34 -0.62
N1 5A0 B . 3.80 1.96 0.26
N3 5A0 B . 3.32 4.02 -0.72
FAC 5A0 B . 1.58 4.16 -5.90
CAW 5A0 B . 1.03 2.90 -5.84
FAD 5A0 B . 0.21 2.69 -6.92
CAL 5A0 B . 0.19 2.75 -4.50
CAS 5A0 B . 1.12 2.85 -3.32
SAQ 5A0 B . 1.68 4.17 -2.82
CAF 5A0 B . 1.53 1.78 -2.61
C2 5A0 B . 3.98 3.32 0.26
NAY 5A0 B . 2.92 -0.02 -0.41
CAJ 5A0 B . 1.75 -0.77 -0.81
CAH 5A0 B . 1.13 -1.54 0.37
CAI 5A0 B . 3.84 -0.79 0.46
CAG 5A0 B . 3.49 -2.27 0.47
NAX 5A0 B . 2.11 -2.45 0.91
CAR 5A0 B . 1.77 -3.35 1.83
SAP 5A0 B . 0.26 -3.53 2.39
CAZ 5A0 B . 0.58 -4.96 3.34
CAA 5A0 B . 0.00 -4.79 4.75
CAB 5A0 B . -0.03 -6.19 2.66
CAK 5A0 B . 2.05 -5.08 3.41
NAM 5A0 B . 2.64 -4.21 2.40
C4 5A0 C . 2.54 3.42 -1.61
C5 5A0 C . 2.35 2.08 -1.59
C6 5A0 C . 3.00 1.33 -0.63
N1 5A0 C . 3.79 1.95 0.25
N3 5A0 C . 3.31 4.02 -0.73
FAC 5A0 C . 1.91 1.88 -5.90
CAW 5A0 C . 0.99 2.92 -5.82
FAD 5A0 C . 1.66 4.13 -5.84
CAL 5A0 C . 0.18 2.79 -4.53
CAS 5A0 C . 1.12 2.87 -3.34
SAQ 5A0 C . 1.68 4.17 -2.82
CAF 5A0 C . 1.53 1.79 -2.64
C2 5A0 C . 3.98 3.32 0.25
NAY 5A0 C . 2.92 -0.02 -0.42
CAJ 5A0 C . 1.74 -0.77 -0.82
CAH 5A0 C . 1.13 -1.54 0.36
CAI 5A0 C . 3.84 -0.79 0.45
CAG 5A0 C . 3.49 -2.27 0.47
NAX 5A0 C . 2.11 -2.45 0.91
CAR 5A0 C . 1.77 -3.35 1.82
SAP 5A0 C . 0.26 -3.53 2.39
CAZ 5A0 C . 0.58 -4.96 3.34
CAA 5A0 C . -0.01 -4.79 4.74
CAB 5A0 C . -0.04 -6.18 2.66
CAK 5A0 C . 2.04 -5.08 3.40
NAM 5A0 C . 2.64 -4.21 2.39
S SO4 D . 26.86 -7.68 -17.90
O1 SO4 D . 27.08 -6.45 -18.74
O2 SO4 D . 25.42 -7.63 -17.61
O3 SO4 D . 27.78 -7.50 -16.74
O4 SO4 D . 27.25 -9.03 -18.47
S SO4 E . 35.31 14.31 -1.26
O1 SO4 E . 35.60 15.29 -0.20
O2 SO4 E . 34.06 13.61 -0.88
O3 SO4 E . 35.28 15.00 -2.56
O4 SO4 E . 36.37 13.29 -1.37
S SO4 F . -6.15 -30.60 11.79
O1 SO4 F . -5.49 -30.16 13.04
O2 SO4 F . -7.63 -30.55 11.94
O3 SO4 F . -5.76 -29.76 10.63
O4 SO4 F . -5.73 -32.00 11.53
S SO4 G . 12.25 -7.49 -19.95
O1 SO4 G . 11.49 -7.09 -18.73
O2 SO4 G . 11.33 -7.79 -21.07
O3 SO4 G . 13.13 -6.38 -20.39
O4 SO4 G . 13.08 -8.68 -19.62
S DMS H . 4.65 2.00 -3.94
O DMS H . 4.44 0.68 -3.30
C1 DMS H . 5.75 2.80 -2.88
C2 DMS H . 5.66 1.86 -5.29
S DMS I . 6.13 1.94 -4.13
O DMS I . 5.63 0.91 -3.19
C1 DMS I . 4.91 2.17 -5.28
C2 DMS I . 6.02 3.34 -3.17
S DMS J . 30.46 1.80 -9.61
O DMS J . 30.56 1.59 -8.15
C1 DMS J . 29.99 0.31 -10.30
C2 DMS J . 29.13 2.81 -9.94
O1 PG4 K . -13.69 -14.94 -7.55
C1 PG4 K . -13.34 -16.01 -8.46
C2 PG4 K . -12.65 -17.11 -7.67
O2 PG4 K . -12.41 -18.26 -8.45
C3 PG4 K . -11.93 -19.37 -7.62
C4 PG4 K . -10.53 -19.05 -7.20
O3 PG4 K . -10.25 -19.41 -5.87
C5 PG4 K . -8.94 -19.00 -5.46
C6 PG4 K . -9.03 -17.52 -5.19
O4 PG4 K . -7.82 -16.97 -4.70
C7 PG4 K . -7.97 -15.58 -4.59
C8 PG4 K . -7.36 -15.08 -5.86
O5 PG4 K . -8.28 -14.30 -6.58
S DMS L . -9.57 17.24 -5.35
O DMS L . -8.20 16.72 -5.81
C1 DMS L . -10.76 16.46 -6.30
C2 DMS L . -9.92 16.75 -3.79
C1 EDO M . 21.38 2.80 23.80
O1 EDO M . 21.97 3.83 23.01
C2 EDO M . 19.89 3.03 24.04
O2 EDO M . 19.30 1.86 24.59
#